data_9BNR
#
_entry.id   9BNR
#
_cell.length_a   96.333
_cell.length_b   96.333
_cell.length_c   104.957
_cell.angle_alpha   90.00
_cell.angle_beta   90.00
_cell.angle_gamma   120.00
#
_symmetry.space_group_name_H-M   'P 31 2 1'
#
loop_
_entity.id
_entity.type
_entity.pdbx_description
1 polymer 'Macrophage migration inhibitory factor'
2 non-polymer N-[2-(4-sulfamoylphenyl)ethyl]methanethioamide
3 non-polymer 'SULFATE ION'
4 water water
#
_entity_poly.entity_id   1
_entity_poly.type   'polypeptide(L)'
_entity_poly.pdbx_seq_one_letter_code
;PMFIVNTNVPRASVPDGFLSELTQQLAQATGKPPQYIAVHVVPDQLMAFGGSSEPCALCSLHSIGKIGGAQNRSYSKLLC
GLLAERLRISPDRVYINYYDMNAANVGWNNSTFA
;
_entity_poly.pdbx_strand_id   A,B,C
#
loop_
_chem_comp.id
_chem_comp.type
_chem_comp.name
_chem_comp.formula
A1AQT non-polymer N-[2-(4-sulfamoylphenyl)ethyl]methanethioamide 'C9 H12 N2 O2 S2'
SO4 non-polymer 'SULFATE ION' 'O4 S -2'
#
# COMPACT_ATOMS: atom_id res chain seq x y z
N PRO A 1 4.56 -12.06 9.27
CA PRO A 1 4.02 -12.04 7.91
C PRO A 1 2.74 -11.22 7.74
N MET A 2 2.68 -10.44 6.65
CA MET A 2 1.57 -9.55 6.39
C MET A 2 1.20 -9.75 4.94
N PHE A 3 -0.06 -10.10 4.67
CA PHE A 3 -0.51 -10.33 3.31
C PHE A 3 -1.67 -9.43 2.97
N ILE A 4 -1.52 -8.67 1.87
CA ILE A 4 -2.54 -7.74 1.40
C ILE A 4 -2.96 -8.15 -0.01
N VAL A 5 -4.26 -8.21 -0.28
N VAL A 5 -4.28 -8.24 -0.22
CA VAL A 5 -4.72 -8.47 -1.65
CA VAL A 5 -4.89 -8.51 -1.51
C VAL A 5 -5.75 -7.43 -2.04
C VAL A 5 -5.72 -7.30 -1.91
N ASN A 6 -5.41 -6.58 -3.02
N ASN A 6 -5.43 -6.75 -3.11
CA ASN A 6 -6.34 -5.61 -3.60
CA ASN A 6 -6.23 -5.69 -3.72
C ASN A 6 -6.89 -6.19 -4.90
C ASN A 6 -6.89 -6.27 -4.95
N THR A 7 -8.23 -6.21 -5.02
CA THR A 7 -8.91 -6.82 -6.15
C THR A 7 -10.14 -6.03 -6.56
N ASN A 8 -10.50 -6.16 -7.83
CA ASN A 8 -11.72 -5.59 -8.37
C ASN A 8 -12.93 -6.50 -8.22
N VAL A 9 -12.76 -7.70 -7.66
N VAL A 9 -12.79 -7.71 -7.69
CA VAL A 9 -13.89 -8.58 -7.35
CA VAL A 9 -13.98 -8.54 -7.49
C VAL A 9 -14.79 -7.91 -6.33
C VAL A 9 -14.79 -7.94 -6.35
N PRO A 10 -16.10 -8.07 -6.41
CA PRO A 10 -16.97 -7.47 -5.38
C PRO A 10 -16.81 -8.10 -4.02
N ARG A 11 -17.14 -7.31 -2.99
CA ARG A 11 -17.09 -7.81 -1.62
C ARG A 11 -17.96 -9.05 -1.44
N ALA A 12 -19.13 -9.07 -2.08
CA ALA A 12 -20.04 -10.20 -1.92
C ALA A 12 -19.46 -11.48 -2.47
N SER A 13 -18.41 -11.39 -3.28
N SER A 13 -18.40 -11.40 -3.28
CA SER A 13 -17.78 -12.58 -3.85
CA SER A 13 -17.76 -12.57 -3.86
C SER A 13 -16.67 -13.14 -2.98
C SER A 13 -16.58 -13.08 -3.03
N VAL A 14 -16.31 -12.47 -1.88
CA VAL A 14 -15.32 -12.99 -0.94
C VAL A 14 -16.01 -13.96 0.01
N PRO A 15 -15.64 -15.24 0.02
CA PRO A 15 -16.42 -16.20 0.83
C PRO A 15 -16.19 -16.02 2.31
N ASP A 16 -17.21 -16.35 3.10
CA ASP A 16 -17.07 -16.43 4.53
C ASP A 16 -15.90 -17.35 4.86
N GLY A 17 -15.06 -16.94 5.79
CA GLY A 17 -13.91 -17.71 6.18
C GLY A 17 -12.64 -17.46 5.39
N PHE A 18 -12.68 -16.57 4.40
CA PHE A 18 -11.50 -16.36 3.57
C PHE A 18 -10.32 -15.84 4.38
N LEU A 19 -10.53 -14.84 5.27
CA LEU A 19 -9.39 -14.30 6.01
C LEU A 19 -8.83 -15.37 6.97
N SER A 20 -9.72 -16.22 7.52
CA SER A 20 -9.23 -17.32 8.36
C SER A 20 -8.40 -18.30 7.56
N GLU A 21 -8.87 -18.69 6.37
CA GLU A 21 -8.12 -19.63 5.55
C GLU A 21 -6.75 -19.06 5.19
N LEU A 22 -6.71 -17.77 4.79
CA LEU A 22 -5.43 -17.15 4.46
C LEU A 22 -4.48 -17.22 5.65
N THR A 23 -4.98 -16.91 6.85
CA THR A 23 -4.13 -16.92 8.04
C THR A 23 -3.54 -18.31 8.24
N GLN A 24 -4.39 -19.33 8.15
CA GLN A 24 -3.96 -20.71 8.38
C GLN A 24 -2.97 -21.18 7.33
N GLN A 25 -3.28 -20.91 6.05
CA GLN A 25 -2.41 -21.37 4.98
C GLN A 25 -1.08 -20.65 5.02
N LEU A 26 -1.07 -19.35 5.35
CA LEU A 26 0.20 -18.63 5.43
C LEU A 26 1.02 -19.11 6.63
N ALA A 27 0.36 -19.46 7.73
CA ALA A 27 1.10 -20.03 8.85
C ALA A 27 1.79 -21.33 8.45
N GLN A 28 1.08 -22.21 7.75
CA GLN A 28 1.70 -23.44 7.28
C GLN A 28 2.84 -23.15 6.32
N ALA A 29 2.65 -22.17 5.42
CA ALA A 29 3.64 -21.97 4.37
C ALA A 29 4.89 -21.31 4.90
N THR A 30 4.75 -20.39 5.85
CA THR A 30 5.90 -19.65 6.36
C THR A 30 6.53 -20.31 7.57
N GLY A 31 5.85 -21.26 8.19
CA GLY A 31 6.25 -21.80 9.47
C GLY A 31 6.02 -20.91 10.68
N LYS A 32 5.44 -19.78 10.53
CA LYS A 32 5.23 -18.92 11.68
C LYS A 32 3.87 -19.19 12.33
N PRO A 33 3.77 -19.01 13.65
CA PRO A 33 2.49 -19.24 14.31
C PRO A 33 1.45 -18.27 13.79
N PRO A 34 0.17 -18.68 13.77
CA PRO A 34 -0.86 -17.80 13.24
C PRO A 34 -1.01 -16.48 13.97
N GLN A 35 -0.64 -16.43 15.25
CA GLN A 35 -0.73 -15.19 16.00
C GLN A 35 0.08 -14.09 15.37
N TYR A 36 1.11 -14.44 14.60
CA TYR A 36 1.96 -13.43 13.99
C TYR A 36 1.42 -12.87 12.68
N ILE A 37 0.40 -13.49 12.10
CA ILE A 37 0.05 -13.24 10.71
C ILE A 37 -1.06 -12.22 10.62
N ALA A 38 -0.88 -11.23 9.74
CA ALA A 38 -1.90 -10.23 9.47
C ALA A 38 -2.33 -10.37 8.02
N VAL A 39 -3.64 -10.26 7.78
N VAL A 39 -3.65 -10.24 7.76
CA VAL A 39 -4.25 -10.34 6.45
CA VAL A 39 -4.20 -10.39 6.41
C VAL A 39 -5.14 -9.13 6.24
C VAL A 39 -5.26 -9.31 6.16
N HIS A 40 -5.17 -8.67 4.98
CA HIS A 40 -5.94 -7.48 4.64
C HIS A 40 -6.48 -7.71 3.25
N VAL A 41 -7.80 -7.74 3.10
CA VAL A 41 -8.43 -8.01 1.82
C VAL A 41 -9.23 -6.78 1.41
N VAL A 42 -8.99 -6.28 0.20
CA VAL A 42 -9.55 -5.03 -0.29
C VAL A 42 -10.30 -5.27 -1.60
N PRO A 43 -11.62 -5.50 -1.53
CA PRO A 43 -12.40 -5.78 -2.76
C PRO A 43 -12.92 -4.49 -3.38
N ASP A 44 -13.61 -4.61 -4.52
CA ASP A 44 -14.36 -3.53 -5.15
C ASP A 44 -13.46 -2.39 -5.64
N GLN A 45 -12.21 -2.70 -5.97
CA GLN A 45 -11.25 -1.68 -6.36
C GLN A 45 -11.33 -1.35 -7.84
N LEU A 46 -10.92 -0.13 -8.17
N LEU A 46 -11.00 -0.09 -8.16
CA LEU A 46 -10.84 0.35 -9.54
CA LEU A 46 -10.83 0.32 -9.55
C LEU A 46 -9.46 -0.01 -10.11
C LEU A 46 -9.44 -0.12 -10.02
N MET A 47 -9.41 -1.09 -10.91
CA MET A 47 -8.14 -1.68 -11.33
C MET A 47 -8.19 -2.13 -12.77
N ALA A 48 -7.01 -2.16 -13.38
CA ALA A 48 -6.86 -2.73 -14.71
C ALA A 48 -5.58 -3.55 -14.72
N PHE A 49 -5.59 -4.65 -15.45
CA PHE A 49 -4.43 -5.53 -15.58
C PHE A 49 -4.30 -5.80 -17.07
N GLY A 50 -3.22 -5.33 -17.67
CA GLY A 50 -3.06 -5.43 -19.10
C GLY A 50 -4.10 -4.67 -19.89
N GLY A 51 -4.64 -3.61 -19.31
CA GLY A 51 -5.66 -2.83 -19.97
C GLY A 51 -7.06 -3.44 -19.96
N SER A 52 -7.23 -4.55 -19.29
CA SER A 52 -8.51 -5.20 -19.14
C SER A 52 -9.02 -5.06 -17.71
N SER A 53 -10.33 -4.92 -17.58
CA SER A 53 -10.98 -4.81 -16.28
C SER A 53 -11.59 -6.13 -15.81
N GLU A 54 -11.24 -7.26 -16.43
CA GLU A 54 -11.67 -8.55 -15.90
C GLU A 54 -11.04 -8.77 -14.51
N PRO A 55 -11.55 -9.73 -13.74
CA PRO A 55 -11.03 -9.95 -12.36
C PRO A 55 -9.52 -10.06 -12.33
N CYS A 56 -8.92 -9.37 -11.37
CA CYS A 56 -7.47 -9.34 -11.22
C CYS A 56 -7.15 -9.07 -9.76
N ALA A 57 -5.88 -9.21 -9.41
CA ALA A 57 -5.44 -8.83 -8.08
C ALA A 57 -4.00 -8.36 -8.06
N LEU A 58 -3.74 -7.40 -7.18
CA LEU A 58 -2.40 -6.94 -6.85
C LEU A 58 -2.20 -7.17 -5.38
N CYS A 59 -1.17 -7.93 -5.06
CA CYS A 59 -0.89 -8.36 -3.68
C CYS A 59 0.50 -8.10 -3.23
N SER A 60 0.66 -8.10 -1.91
N SER A 60 0.68 -8.13 -1.91
CA SER A 60 1.98 -7.99 -1.29
CA SER A 60 2.00 -8.03 -1.33
C SER A 60 2.07 -9.00 -0.16
C SER A 60 2.09 -8.94 -0.13
N LEU A 61 3.24 -9.60 -0.01
CA LEU A 61 3.57 -10.38 1.18
C LEU A 61 4.83 -9.83 1.79
N HIS A 62 4.74 -9.29 3.01
CA HIS A 62 5.87 -8.81 3.77
C HIS A 62 6.18 -9.84 4.85
N SER A 63 7.45 -10.13 5.08
CA SER A 63 7.82 -11.08 6.13
C SER A 63 9.20 -10.75 6.64
N ILE A 64 9.43 -11.00 7.93
CA ILE A 64 10.76 -10.94 8.51
C ILE A 64 11.42 -12.28 8.23
N GLY A 65 12.22 -12.33 7.14
CA GLY A 65 12.75 -13.58 6.65
C GLY A 65 11.69 -14.41 5.93
N LYS A 66 12.10 -15.65 5.61
CA LYS A 66 11.26 -16.61 4.85
C LYS A 66 10.91 -16.10 3.46
N ILE A 67 11.75 -15.25 2.89
CA ILE A 67 11.56 -14.71 1.53
C ILE A 67 12.78 -15.13 0.71
N GLY A 68 12.54 -15.69 -0.46
CA GLY A 68 13.65 -16.02 -1.35
C GLY A 68 13.16 -16.69 -2.62
N GLY A 69 14.12 -17.03 -3.47
CA GLY A 69 13.78 -17.55 -4.78
C GLY A 69 12.79 -18.71 -4.76
N ALA A 70 13.17 -19.80 -4.11
CA ALA A 70 12.32 -20.98 -4.10
C ALA A 70 11.09 -20.76 -3.24
N GLN A 71 11.25 -20.13 -2.08
CA GLN A 71 10.10 -19.92 -1.22
C GLN A 71 9.03 -19.08 -1.94
N ASN A 72 9.46 -18.06 -2.67
CA ASN A 72 8.51 -17.16 -3.32
C ASN A 72 7.75 -17.88 -4.44
N ARG A 73 8.41 -18.79 -5.15
CA ARG A 73 7.68 -19.62 -6.11
C ARG A 73 6.61 -20.45 -5.42
N SER A 74 6.93 -21.02 -4.26
N SER A 74 6.94 -21.04 -4.27
CA SER A 74 5.96 -21.82 -3.54
CA SER A 74 5.96 -21.81 -3.54
C SER A 74 4.83 -20.96 -2.99
C SER A 74 4.82 -20.94 -3.04
N TYR A 75 5.13 -19.75 -2.51
CA TYR A 75 4.07 -18.86 -2.06
C TYR A 75 3.15 -18.49 -3.22
N SER A 76 3.73 -18.21 -4.40
CA SER A 76 2.91 -17.83 -5.54
C SER A 76 1.95 -18.93 -5.98
N LYS A 77 2.42 -20.19 -5.99
CA LYS A 77 1.54 -21.31 -6.32
C LYS A 77 0.40 -21.38 -5.30
N LEU A 78 0.72 -21.26 -4.02
CA LEU A 78 -0.32 -21.33 -3.00
C LEU A 78 -1.32 -20.19 -3.14
N LEU A 79 -0.81 -18.96 -3.26
CA LEU A 79 -1.68 -17.79 -3.19
C LEU A 79 -2.45 -17.57 -4.49
N CYS A 80 -1.82 -17.81 -5.64
CA CYS A 80 -2.61 -17.79 -6.87
C CYS A 80 -3.68 -18.87 -6.85
N GLY A 81 -3.35 -20.04 -6.30
CA GLY A 81 -4.34 -21.09 -6.23
C GLY A 81 -5.53 -20.67 -5.41
N LEU A 82 -5.29 -20.02 -4.27
CA LEU A 82 -6.40 -19.61 -3.42
C LEU A 82 -7.21 -18.51 -4.09
N LEU A 83 -6.56 -17.56 -4.76
CA LEU A 83 -7.32 -16.52 -5.43
C LEU A 83 -8.15 -17.09 -6.58
N ALA A 84 -7.64 -18.10 -7.26
CA ALA A 84 -8.41 -18.76 -8.34
C ALA A 84 -9.59 -19.52 -7.76
N GLU A 85 -9.36 -20.35 -6.74
CA GLU A 85 -10.42 -21.20 -6.26
C GLU A 85 -11.48 -20.40 -5.50
N ARG A 86 -11.06 -19.41 -4.72
CA ARG A 86 -11.98 -18.73 -3.81
C ARG A 86 -12.57 -17.45 -4.40
N LEU A 87 -11.80 -16.70 -5.19
CA LEU A 87 -12.29 -15.45 -5.78
C LEU A 87 -12.48 -15.51 -7.28
N ARG A 88 -12.12 -16.63 -7.90
CA ARG A 88 -12.31 -16.86 -9.32
C ARG A 88 -11.47 -15.89 -10.16
N ILE A 89 -10.26 -15.59 -9.69
CA ILE A 89 -9.31 -14.75 -10.41
C ILE A 89 -8.28 -15.64 -11.10
N SER A 90 -8.10 -15.45 -12.40
N SER A 90 -8.07 -15.43 -12.39
CA SER A 90 -7.12 -16.24 -13.13
CA SER A 90 -7.11 -16.23 -13.14
C SER A 90 -5.72 -15.96 -12.58
C SER A 90 -5.70 -15.95 -12.64
N PRO A 91 -4.87 -16.99 -12.41
CA PRO A 91 -3.52 -16.73 -11.89
C PRO A 91 -2.68 -15.81 -12.77
N ASP A 92 -2.97 -15.74 -14.09
CA ASP A 92 -2.20 -14.85 -14.94
C ASP A 92 -2.72 -13.41 -14.88
N ARG A 93 -3.65 -13.10 -13.97
CA ARG A 93 -4.07 -11.71 -13.70
C ARG A 93 -3.82 -11.34 -12.24
N VAL A 94 -2.79 -11.95 -11.65
CA VAL A 94 -2.34 -11.68 -10.29
C VAL A 94 -0.86 -11.31 -10.33
N TYR A 95 -0.51 -10.21 -9.66
CA TYR A 95 0.87 -9.94 -9.31
C TYR A 95 0.98 -9.96 -7.79
N ILE A 96 2.07 -10.54 -7.29
CA ILE A 96 2.36 -10.56 -5.84
C ILE A 96 3.77 -10.03 -5.65
N ASN A 97 3.94 -8.96 -4.87
CA ASN A 97 5.26 -8.44 -4.54
C ASN A 97 5.69 -9.01 -3.18
N TYR A 98 6.91 -9.55 -3.12
CA TYR A 98 7.47 -10.15 -1.92
C TYR A 98 8.51 -9.22 -1.31
N TYR A 99 8.38 -8.95 0.00
CA TYR A 99 9.28 -8.03 0.69
C TYR A 99 9.87 -8.67 1.95
N ASP A 100 11.19 -8.78 1.99
CA ASP A 100 11.92 -9.27 3.17
C ASP A 100 12.25 -8.07 4.06
N MET A 101 11.62 -8.00 5.21
CA MET A 101 11.76 -6.89 6.15
C MET A 101 12.85 -7.20 7.16
N ASN A 102 13.65 -6.19 7.48
CA ASN A 102 14.53 -6.27 8.63
C ASN A 102 13.72 -6.06 9.90
N ALA A 103 13.99 -6.89 10.91
CA ALA A 103 13.24 -6.80 12.15
C ALA A 103 13.28 -5.41 12.79
N ALA A 104 14.39 -4.68 12.61
CA ALA A 104 14.47 -3.35 13.20
C ALA A 104 13.54 -2.36 12.51
N ASN A 105 13.01 -2.73 11.36
CA ASN A 105 12.10 -1.89 10.60
C ASN A 105 10.64 -2.33 10.72
N VAL A 106 10.29 -3.13 11.73
CA VAL A 106 8.91 -3.53 11.95
C VAL A 106 8.54 -3.18 13.38
N GLY A 107 7.61 -2.24 13.54
CA GLY A 107 7.12 -1.88 14.84
C GLY A 107 5.93 -2.74 15.25
N TRP A 108 5.79 -2.92 16.56
CA TRP A 108 4.76 -3.73 17.17
C TRP A 108 4.78 -3.43 18.66
N ASN A 109 3.61 -3.26 19.27
CA ASN A 109 3.49 -3.20 20.74
C ASN A 109 4.46 -2.18 21.36
N ASN A 110 4.44 -0.99 20.80
CA ASN A 110 5.16 0.19 21.30
C ASN A 110 6.67 0.11 21.10
N SER A 111 7.17 -0.86 20.36
CA SER A 111 8.60 -1.02 20.17
C SER A 111 8.84 -1.61 18.79
N THR A 112 10.03 -2.15 18.56
CA THR A 112 10.29 -2.90 17.34
C THR A 112 10.83 -4.27 17.68
N PHE A 113 10.82 -5.12 16.65
CA PHE A 113 11.35 -6.47 16.79
C PHE A 113 12.86 -6.53 16.80
N ALA A 114 13.55 -5.41 16.56
CA ALA A 114 15.02 -5.45 16.58
C ALA A 114 15.52 -6.06 17.88
N PRO B 1 5.28 -3.59 -14.69
CA PRO B 1 5.06 -2.30 -14.04
C PRO B 1 3.71 -2.24 -13.36
N MET B 2 3.65 -1.72 -12.16
CA MET B 2 2.41 -1.56 -11.40
C MET B 2 2.36 -0.13 -10.89
N PHE B 3 1.27 0.58 -11.20
CA PHE B 3 1.11 1.95 -10.76
C PHE B 3 -0.13 2.09 -9.90
N ILE B 4 0.03 2.63 -8.70
CA ILE B 4 -1.04 2.78 -7.71
C ILE B 4 -1.17 4.27 -7.40
N VAL B 5 -2.39 4.79 -7.43
CA VAL B 5 -2.68 6.17 -7.06
C VAL B 5 -3.69 6.16 -5.92
N ASN B 6 -3.33 6.77 -4.78
N ASN B 6 -3.33 6.76 -4.78
CA ASN B 6 -4.26 7.00 -3.68
CA ASN B 6 -4.24 6.99 -3.67
C ASN B 6 -4.56 8.49 -3.60
C ASN B 6 -4.56 8.48 -3.64
N THR B 7 -5.85 8.85 -3.67
CA THR B 7 -6.21 10.25 -3.71
C THR B 7 -7.50 10.52 -2.94
N ASN B 8 -7.62 11.77 -2.47
CA ASN B 8 -8.86 12.21 -1.84
C ASN B 8 -9.87 12.76 -2.81
N VAL B 9 -9.54 12.80 -4.11
N VAL B 9 -9.57 12.82 -4.11
CA VAL B 9 -10.52 13.19 -5.14
CA VAL B 9 -10.58 13.30 -5.04
C VAL B 9 -11.68 12.21 -5.12
C VAL B 9 -11.66 12.25 -5.19
N PRO B 10 -12.92 12.64 -5.29
CA PRO B 10 -14.03 11.67 -5.26
C PRO B 10 -14.03 10.76 -6.48
N ARG B 11 -14.64 9.59 -6.29
CA ARG B 11 -14.73 8.61 -7.37
C ARG B 11 -15.35 9.21 -8.63
N ALA B 12 -16.41 10.02 -8.47
CA ALA B 12 -17.10 10.58 -9.61
C ALA B 12 -16.21 11.48 -10.45
N SER B 13 -15.11 11.96 -9.89
N SER B 13 -15.11 11.99 -9.89
CA SER B 13 -14.17 12.84 -10.58
CA SER B 13 -14.21 12.84 -10.64
C SER B 13 -13.04 12.10 -11.25
C SER B 13 -13.18 12.06 -11.45
N VAL B 14 -13.04 10.77 -11.20
CA VAL B 14 -12.04 9.96 -11.88
C VAL B 14 -12.61 9.61 -13.25
N PRO B 15 -12.04 10.06 -14.37
CA PRO B 15 -12.61 9.71 -15.67
C PRO B 15 -12.66 8.21 -15.91
N ASP B 16 -13.70 7.78 -16.63
CA ASP B 16 -13.84 6.36 -16.95
C ASP B 16 -12.64 5.80 -17.70
N GLY B 17 -11.97 6.63 -18.50
CA GLY B 17 -10.85 6.17 -19.31
C GLY B 17 -9.49 6.31 -18.67
N PHE B 18 -9.44 6.73 -17.41
CA PHE B 18 -8.17 7.06 -16.78
C PHE B 18 -7.26 5.86 -16.64
N LEU B 19 -7.81 4.70 -16.22
N LEU B 19 -7.82 4.69 -16.28
CA LEU B 19 -6.97 3.52 -16.08
CA LEU B 19 -6.92 3.55 -16.08
C LEU B 19 -6.32 3.16 -17.42
C LEU B 19 -6.36 3.03 -17.39
N SER B 20 -7.11 3.18 -18.49
CA SER B 20 -6.60 2.80 -19.81
C SER B 20 -5.59 3.83 -20.28
N GLU B 21 -5.83 5.12 -20.00
CA GLU B 21 -4.86 6.14 -20.39
C GLU B 21 -3.54 5.92 -19.67
N LEU B 22 -3.60 5.66 -18.36
CA LEU B 22 -2.39 5.39 -17.59
C LEU B 22 -1.67 4.16 -18.12
N THR B 23 -2.44 3.10 -18.45
CA THR B 23 -1.81 1.89 -18.96
C THR B 23 -1.01 2.19 -20.23
N GLN B 24 -1.63 2.90 -21.17
CA GLN B 24 -0.98 3.17 -22.44
C GLN B 24 0.22 4.08 -22.27
N GLN B 25 0.09 5.14 -21.46
CA GLN B 25 1.20 6.06 -21.30
C GLN B 25 2.36 5.42 -20.55
N LEU B 26 2.05 4.57 -19.57
CA LEU B 26 3.14 3.84 -18.87
C LEU B 26 3.83 2.85 -19.77
N ALA B 27 3.10 2.22 -20.68
CA ALA B 27 3.75 1.32 -21.63
C ALA B 27 4.76 2.09 -22.47
N GLN B 28 4.38 3.26 -22.99
CA GLN B 28 5.31 4.05 -23.77
C GLN B 28 6.51 4.48 -22.92
N ALA B 29 6.28 4.85 -21.66
CA ALA B 29 7.35 5.41 -20.84
C ALA B 29 8.34 4.36 -20.38
N THR B 30 7.86 3.15 -20.08
CA THR B 30 8.71 2.06 -19.59
C THR B 30 9.27 1.18 -20.71
N GLY B 31 8.71 1.26 -21.91
CA GLY B 31 9.08 0.38 -23.00
C GLY B 31 8.49 -1.01 -22.90
N LYS B 32 7.58 -1.23 -21.95
CA LYS B 32 6.98 -2.53 -21.79
C LYS B 32 5.61 -2.57 -22.46
N PRO B 33 5.25 -3.66 -23.13
CA PRO B 33 3.94 -3.73 -23.76
C PRO B 33 2.83 -3.57 -22.75
N PRO B 34 1.68 -3.03 -23.17
CA PRO B 34 0.61 -2.77 -22.20
C PRO B 34 0.09 -4.01 -21.48
N GLN B 35 0.21 -5.22 -22.07
CA GLN B 35 -0.27 -6.40 -21.38
C GLN B 35 0.45 -6.63 -20.06
N TYR B 36 1.63 -6.03 -19.88
CA TYR B 36 2.39 -6.25 -18.66
C TYR B 36 2.05 -5.28 -17.55
N ILE B 37 1.23 -4.27 -17.82
CA ILE B 37 1.08 -3.13 -16.93
C ILE B 37 -0.20 -3.26 -16.12
N ALA B 38 -0.10 -3.05 -14.81
CA ALA B 38 -1.26 -3.06 -13.92
C ALA B 38 -1.41 -1.68 -13.30
N VAL B 39 -2.65 -1.22 -13.17
N VAL B 39 -2.68 -1.22 -13.18
CA VAL B 39 -2.93 0.10 -12.60
CA VAL B 39 -3.00 0.09 -12.64
C VAL B 39 -4.08 -0.01 -11.62
C VAL B 39 -4.10 -0.05 -11.59
N HIS B 40 -3.98 0.73 -10.51
CA HIS B 40 -4.92 0.69 -9.41
C HIS B 40 -5.14 2.12 -8.95
N VAL B 41 -6.38 2.61 -9.00
CA VAL B 41 -6.69 3.99 -8.59
C VAL B 41 -7.65 3.91 -7.41
N VAL B 42 -7.33 4.63 -6.33
CA VAL B 42 -8.04 4.56 -5.07
C VAL B 42 -8.52 5.96 -4.71
N PRO B 43 -9.78 6.30 -5.06
CA PRO B 43 -10.34 7.63 -4.75
C PRO B 43 -11.00 7.68 -3.38
N ASP B 44 -11.49 8.86 -3.01
CA ASP B 44 -12.33 9.07 -1.84
C ASP B 44 -11.57 8.83 -0.54
N GLN B 45 -10.25 9.00 -0.57
CA GLN B 45 -9.44 8.68 0.60
C GLN B 45 -9.36 9.82 1.60
N LEU B 46 -9.24 9.45 2.88
N LEU B 46 -9.17 9.45 2.87
CA LEU B 46 -9.00 10.41 3.95
CA LEU B 46 -9.00 10.39 3.96
C LEU B 46 -7.51 10.68 4.00
C LEU B 46 -7.51 10.70 4.07
N MET B 47 -7.10 11.85 3.53
CA MET B 47 -5.69 12.16 3.38
C MET B 47 -5.45 13.62 3.70
N ALA B 48 -4.21 13.90 4.10
CA ALA B 48 -3.73 15.27 4.21
C ALA B 48 -2.32 15.34 3.68
N PHE B 49 -1.98 16.49 3.10
CA PHE B 49 -0.68 16.72 2.49
C PHE B 49 -0.27 18.10 2.97
N GLY B 50 0.83 18.18 3.71
CA GLY B 50 1.20 19.46 4.30
C GLY B 50 0.17 20.01 5.27
N GLY B 51 -0.66 19.14 5.85
CA GLY B 51 -1.67 19.56 6.81
C GLY B 51 -2.94 20.12 6.21
N SER B 52 -3.12 19.99 4.90
CA SER B 52 -4.27 20.47 4.16
C SER B 52 -4.95 19.28 3.50
N SER B 53 -6.27 19.36 3.38
N SER B 53 -6.28 19.32 3.39
CA SER B 53 -7.06 18.33 2.73
CA SER B 53 -7.00 18.28 2.66
C SER B 53 -7.45 18.69 1.31
C SER B 53 -7.56 18.80 1.33
N GLU B 54 -6.87 19.76 0.72
CA GLU B 54 -7.06 20.05 -0.69
C GLU B 54 -6.65 18.81 -1.49
N PRO B 55 -7.06 18.70 -2.75
CA PRO B 55 -6.74 17.48 -3.51
C PRO B 55 -5.25 17.18 -3.50
N CYS B 56 -4.93 15.89 -3.39
CA CYS B 56 -3.56 15.42 -3.31
C CYS B 56 -3.52 13.96 -3.75
N ALA B 57 -2.29 13.46 -3.96
CA ALA B 57 -2.14 12.05 -4.27
C ALA B 57 -0.83 11.50 -3.73
N LEU B 58 -0.90 10.24 -3.29
CA LEU B 58 0.26 9.46 -2.91
C LEU B 58 0.28 8.25 -3.80
N CYS B 59 1.36 8.08 -4.53
CA CYS B 59 1.45 7.08 -5.57
C CYS B 59 2.69 6.23 -5.44
N SER B 60 2.64 5.05 -6.09
N SER B 60 2.61 5.04 -6.08
CA SER B 60 3.80 4.19 -6.14
CA SER B 60 3.74 4.14 -6.14
C SER B 60 3.88 3.52 -7.50
C SER B 60 3.86 3.62 -7.57
N LEU B 61 5.10 3.49 -8.04
CA LEU B 61 5.39 2.82 -9.30
C LEU B 61 6.40 1.73 -9.01
N HIS B 62 6.00 0.46 -9.18
CA HIS B 62 6.86 -0.70 -9.02
C HIS B 62 7.19 -1.20 -10.42
N SER B 63 8.43 -1.63 -10.63
CA SER B 63 8.79 -2.20 -11.93
C SER B 63 10.01 -3.10 -11.76
N ILE B 64 10.05 -4.15 -12.56
CA ILE B 64 11.27 -4.94 -12.68
C ILE B 64 12.18 -4.21 -13.66
N GLY B 65 13.14 -3.47 -13.14
CA GLY B 65 13.97 -2.63 -13.96
C GLY B 65 13.20 -1.40 -14.38
N LYS B 66 13.86 -0.59 -15.22
CA LYS B 66 13.31 0.68 -15.72
C LYS B 66 13.07 1.68 -14.60
N ILE B 67 13.87 1.58 -13.53
CA ILE B 67 13.80 2.50 -12.40
C ILE B 67 15.21 3.02 -12.18
N GLY B 68 15.34 4.33 -12.00
CA GLY B 68 16.65 4.91 -11.76
C GLY B 68 16.54 6.42 -11.71
N GLY B 69 17.67 7.05 -11.41
CA GLY B 69 17.65 8.48 -11.19
C GLY B 69 17.01 9.30 -12.30
N ALA B 70 17.53 9.13 -13.52
CA ALA B 70 17.02 9.90 -14.63
C ALA B 70 15.63 9.43 -15.03
N GLN B 71 15.41 8.12 -15.07
CA GLN B 71 14.10 7.62 -15.45
C GLN B 71 13.03 8.11 -14.51
N ASN B 72 13.33 8.15 -13.19
CA ASN B 72 12.32 8.54 -12.23
C ASN B 72 11.96 10.01 -12.38
N ARG B 73 12.95 10.86 -12.70
CA ARG B 73 12.64 12.26 -12.96
C ARG B 73 11.68 12.42 -14.13
N SER B 74 11.83 11.57 -15.16
N SER B 74 11.82 11.57 -15.16
CA SER B 74 10.96 11.63 -16.32
CA SER B 74 10.95 11.67 -16.32
C SER B 74 9.57 11.09 -16.00
C SER B 74 9.57 11.08 -16.03
N TYR B 75 9.51 10.00 -15.25
CA TYR B 75 8.20 9.49 -14.85
C TYR B 75 7.43 10.52 -14.04
N SER B 76 8.13 11.29 -13.20
CA SER B 76 7.42 12.25 -12.36
C SER B 76 6.73 13.30 -13.22
N LYS B 77 7.36 13.69 -14.32
CA LYS B 77 6.75 14.66 -15.22
C LYS B 77 5.54 14.07 -15.92
N LEU B 78 5.67 12.82 -16.37
CA LEU B 78 4.55 12.19 -17.04
C LEU B 78 3.36 12.07 -16.09
N LEU B 79 3.62 11.56 -14.88
CA LEU B 79 2.53 11.22 -13.96
C LEU B 79 1.93 12.47 -13.32
N CYS B 80 2.76 13.45 -12.92
CA CYS B 80 2.19 14.72 -12.51
C CYS B 80 1.32 15.34 -13.57
N GLY B 81 1.75 15.27 -14.82
CA GLY B 81 0.95 15.85 -15.89
C GLY B 81 -0.41 15.19 -16.01
N LEU B 82 -0.45 13.85 -15.92
CA LEU B 82 -1.70 13.12 -16.02
C LEU B 82 -2.60 13.39 -14.81
N LEU B 83 -2.04 13.42 -13.61
CA LEU B 83 -2.84 13.68 -12.42
C LEU B 83 -3.36 15.12 -12.41
N ALA B 84 -2.56 16.08 -12.89
CA ALA B 84 -3.02 17.45 -12.99
C ALA B 84 -4.16 17.57 -13.97
N GLU B 85 -4.03 16.98 -15.16
CA GLU B 85 -5.04 17.23 -16.18
C GLU B 85 -6.32 16.45 -15.89
N ARG B 86 -6.19 15.19 -15.49
CA ARG B 86 -7.37 14.36 -15.38
C ARG B 86 -8.01 14.41 -14.00
N LEU B 87 -7.24 14.59 -12.93
CA LEU B 87 -7.80 14.62 -11.58
C LEU B 87 -7.74 16.01 -10.96
N ARG B 88 -7.15 16.99 -11.65
CA ARG B 88 -7.11 18.39 -11.19
C ARG B 88 -6.35 18.52 -9.88
N ILE B 89 -5.29 17.74 -9.72
CA ILE B 89 -4.43 17.80 -8.54
C ILE B 89 -3.21 18.67 -8.85
N SER B 90 -2.89 19.60 -7.96
N SER B 90 -2.87 19.59 -7.95
CA SER B 90 -1.69 20.41 -8.12
CA SER B 90 -1.68 20.42 -8.13
C SER B 90 -0.45 19.50 -8.05
C SER B 90 -0.43 19.56 -8.00
N PRO B 91 0.56 19.72 -8.90
CA PRO B 91 1.71 18.79 -8.90
C PRO B 91 2.58 18.88 -7.65
N ASP B 92 2.49 19.97 -6.91
CA ASP B 92 3.20 20.04 -5.64
C ASP B 92 2.43 19.38 -4.50
N ARG B 93 1.32 18.71 -4.80
CA ARG B 93 0.63 17.87 -3.82
C ARG B 93 0.58 16.41 -4.25
N VAL B 94 1.63 15.98 -4.96
CA VAL B 94 1.79 14.60 -5.42
C VAL B 94 3.15 14.10 -4.94
N TYR B 95 3.15 12.95 -4.24
CA TYR B 95 4.38 12.19 -4.04
C TYR B 95 4.25 10.86 -4.78
N ILE B 96 5.36 10.39 -5.36
CA ILE B 96 5.43 9.11 -6.07
C ILE B 96 6.64 8.34 -5.56
N ASN B 97 6.43 7.17 -4.99
CA ASN B 97 7.54 6.31 -4.58
C ASN B 97 7.86 5.35 -5.70
N TYR B 98 9.15 5.19 -6.03
CA TYR B 98 9.62 4.34 -7.11
C TYR B 98 10.33 3.13 -6.51
N TYR B 99 9.94 1.95 -6.97
CA TYR B 99 10.47 0.70 -6.44
C TYR B 99 10.97 -0.17 -7.57
N ASP B 100 12.26 -0.49 -7.54
CA ASP B 100 12.88 -1.41 -8.48
C ASP B 100 12.82 -2.82 -7.90
N MET B 101 11.99 -3.68 -8.48
N MET B 101 12.10 -3.70 -8.56
CA MET B 101 11.77 -5.03 -7.97
CA MET B 101 11.81 -5.02 -8.00
C MET B 101 12.69 -6.05 -8.63
C MET B 101 12.70 -6.08 -8.64
N ASN B 102 13.17 -7.02 -7.83
CA ASN B 102 13.91 -8.15 -8.37
C ASN B 102 12.87 -9.13 -8.91
N ALA B 103 13.17 -9.71 -10.07
CA ALA B 103 12.23 -10.65 -10.67
C ALA B 103 11.86 -11.79 -9.73
N ALA B 104 12.79 -12.22 -8.86
CA ALA B 104 12.51 -13.32 -7.94
C ALA B 104 11.49 -12.91 -6.88
N ASN B 105 11.21 -11.62 -6.74
CA ASN B 105 10.28 -11.11 -5.72
C ASN B 105 8.97 -10.61 -6.33
N VAL B 106 8.68 -11.00 -7.57
CA VAL B 106 7.40 -10.69 -8.20
C VAL B 106 6.74 -12.00 -8.63
N GLY B 107 5.61 -12.33 -7.99
CA GLY B 107 4.86 -13.50 -8.35
C GLY B 107 3.82 -13.19 -9.41
N TRP B 108 3.53 -14.19 -10.24
CA TRP B 108 2.60 -14.11 -11.37
C TRP B 108 2.33 -15.53 -11.82
N ASN B 109 1.08 -15.86 -12.09
CA ASN B 109 0.74 -17.11 -12.77
C ASN B 109 1.39 -18.33 -12.12
N ASN B 110 1.24 -18.41 -10.81
CA ASN B 110 1.64 -19.57 -9.98
C ASN B 110 3.14 -19.70 -9.80
N SER B 111 3.91 -18.70 -10.20
CA SER B 111 5.35 -18.78 -10.08
C SER B 111 5.85 -17.37 -9.85
N THR B 112 7.13 -17.15 -10.12
CA THR B 112 7.70 -15.82 -10.16
C THR B 112 8.37 -15.62 -11.50
N PHE B 113 8.89 -14.40 -11.72
CA PHE B 113 9.54 -14.09 -12.98
C PHE B 113 11.01 -14.50 -13.04
N ALA B 114 11.59 -14.97 -11.94
CA ALA B 114 13.00 -15.37 -11.94
C ALA B 114 13.21 -16.62 -12.78
N PRO C 1 8.02 12.95 4.71
CA PRO C 1 7.58 11.75 5.42
C PRO C 1 6.14 11.40 5.05
N MET C 2 5.82 10.11 4.98
CA MET C 2 4.52 9.62 4.53
C MET C 2 4.09 8.58 5.54
N PHE C 3 2.92 8.76 6.17
CA PHE C 3 2.41 7.80 7.14
C PHE C 3 1.03 7.34 6.72
N ILE C 4 0.87 6.01 6.61
CA ILE C 4 -0.38 5.40 6.19
C ILE C 4 -0.83 4.44 7.28
N VAL C 5 -2.13 4.53 7.60
N VAL C 5 -2.12 4.46 7.63
CA VAL C 5 -2.82 3.67 8.55
CA VAL C 5 -2.63 3.52 8.62
C VAL C 5 -3.91 2.92 7.79
C VAL C 5 -3.90 2.88 8.07
N ASN C 6 -3.93 1.59 7.92
N ASN C 6 -3.84 1.55 7.89
CA ASN C 6 -5.03 0.75 7.44
CA ASN C 6 -4.99 0.74 7.48
C ASN C 6 -5.61 0.03 8.65
C ASN C 6 -5.60 0.09 8.73
N THR C 7 -6.92 0.21 8.90
CA THR C 7 -7.55 -0.30 10.09
C THR C 7 -8.96 -0.79 9.80
N ASN C 8 -9.42 -1.73 10.62
CA ASN C 8 -10.79 -2.20 10.55
C ASN C 8 -11.74 -1.39 11.43
N VAL C 9 -11.23 -0.41 12.17
N VAL C 9 -11.26 -0.41 12.18
CA VAL C 9 -12.09 0.51 12.93
CA VAL C 9 -12.20 0.40 12.97
C VAL C 9 -13.01 1.25 11.97
C VAL C 9 -13.00 1.27 12.03
N PRO C 10 -14.26 1.53 12.35
CA PRO C 10 -15.14 2.24 11.40
C PRO C 10 -14.74 3.71 11.24
N ARG C 11 -15.12 4.26 10.08
CA ARG C 11 -14.82 5.65 9.79
C ARG C 11 -15.32 6.56 10.90
N ALA C 12 -16.51 6.25 11.44
CA ALA C 12 -17.12 7.11 12.44
C ALA C 12 -16.32 7.19 13.73
N SER C 13 -15.37 6.27 13.93
N SER C 13 -15.38 6.27 13.95
CA SER C 13 -14.53 6.21 15.11
CA SER C 13 -14.56 6.30 15.15
C SER C 13 -13.16 6.86 14.89
C SER C 13 -13.34 7.20 15.02
N VAL C 14 -12.99 7.62 13.81
CA VAL C 14 -11.79 8.41 13.57
C VAL C 14 -12.08 9.84 14.01
N PRO C 15 -11.34 10.39 14.98
CA PRO C 15 -11.68 11.74 15.47
C PRO C 15 -11.45 12.82 14.42
N ASP C 16 -12.30 13.83 14.50
N ASP C 16 -12.22 13.89 14.54
CA ASP C 16 -12.03 15.12 13.87
CA ASP C 16 -12.21 14.96 13.53
C ASP C 16 -10.70 15.65 14.38
C ASP C 16 -10.79 15.40 13.19
N GLY C 17 -9.82 15.98 13.46
N GLY C 17 -9.97 15.69 14.19
CA GLY C 17 -8.50 16.43 13.80
CA GLY C 17 -8.68 16.30 13.97
C GLY C 17 -7.44 15.35 13.89
C GLY C 17 -7.51 15.35 13.95
N PHE C 18 -7.80 14.09 13.65
CA PHE C 18 -6.78 13.03 13.71
C PHE C 18 -5.69 13.24 12.69
N LEU C 19 -6.07 13.56 11.44
N LEU C 19 -6.04 13.61 11.46
CA LEU C 19 -5.05 13.81 10.42
CA LEU C 19 -4.98 13.77 10.47
C LEU C 19 -4.12 14.94 10.84
C LEU C 19 -4.12 14.99 10.76
N SER C 20 -4.69 16.03 11.37
CA SER C 20 -3.89 17.15 11.81
C SER C 20 -2.95 16.78 12.94
N GLU C 21 -3.44 15.97 13.89
CA GLU C 21 -2.59 15.57 15.01
C GLU C 21 -1.42 14.72 14.52
N LEU C 22 -1.70 13.77 13.63
CA LEU C 22 -0.62 12.95 13.07
C LEU C 22 0.41 13.80 12.35
N THR C 23 -0.05 14.78 11.56
CA THR C 23 0.88 15.67 10.87
C THR C 23 1.80 16.37 11.86
N GLN C 24 1.21 17.00 12.88
CA GLN C 24 2.02 17.77 13.82
C GLN C 24 2.96 16.88 14.62
N GLN C 25 2.47 15.71 15.05
CA GLN C 25 3.32 14.83 15.85
C GLN C 25 4.44 14.24 15.01
N LEU C 26 4.17 13.95 13.73
CA LEU C 26 5.22 13.46 12.84
C LEU C 26 6.24 14.54 12.56
N ALA C 27 5.81 15.79 12.47
CA ALA C 27 6.75 16.87 12.27
C ALA C 27 7.70 16.97 13.44
N GLN C 28 7.17 16.86 14.66
CA GLN C 28 8.02 16.93 15.84
C GLN C 28 8.93 15.72 15.90
N ALA C 29 8.39 14.53 15.59
CA ALA C 29 9.17 13.31 15.70
C ALA C 29 10.27 13.22 14.66
N THR C 30 9.98 13.62 13.42
CA THR C 30 10.94 13.48 12.35
C THR C 30 11.83 14.70 12.21
N GLY C 31 11.44 15.85 12.77
CA GLY C 31 12.14 17.09 12.54
C GLY C 31 11.90 17.74 11.19
N LYS C 32 11.01 17.18 10.37
CA LYS C 32 10.76 17.80 9.07
C LYS C 32 9.58 18.76 9.16
N PRO C 33 9.55 19.81 8.33
CA PRO C 33 8.46 20.77 8.38
C PRO C 33 7.14 20.12 8.03
N PRO C 34 6.06 20.51 8.70
CA PRO C 34 4.75 19.89 8.38
C PRO C 34 4.34 20.01 6.92
N GLN C 35 4.81 21.04 6.22
CA GLN C 35 4.41 21.21 4.82
C GLN C 35 4.87 20.06 3.96
N TYR C 36 5.81 19.25 4.44
CA TYR C 36 6.30 18.13 3.65
C TYR C 36 5.76 16.78 4.09
N ILE C 37 4.85 16.74 5.07
CA ILE C 37 4.36 15.49 5.64
C ILE C 37 3.01 15.14 5.04
N ALA C 38 2.86 13.88 4.62
CA ALA C 38 1.60 13.37 4.08
C ALA C 38 1.08 12.27 4.98
N VAL C 39 -0.24 12.25 5.20
CA VAL C 39 -0.90 11.28 6.07
C VAL C 39 -2.11 10.72 5.37
N HIS C 40 -2.34 9.41 5.55
CA HIS C 40 -3.38 8.69 4.82
C HIS C 40 -3.98 7.67 5.78
N VAL C 41 -5.27 7.82 6.14
CA VAL C 41 -5.94 6.94 7.09
C VAL C 41 -7.05 6.21 6.34
N VAL C 42 -7.07 4.88 6.47
CA VAL C 42 -7.96 4.01 5.73
C VAL C 42 -8.74 3.18 6.72
N PRO C 43 -9.96 3.61 7.08
CA PRO C 43 -10.80 2.82 8.00
C PRO C 43 -11.69 1.81 7.29
N ASP C 44 -12.46 1.07 8.07
CA ASP C 44 -13.51 0.18 7.58
C ASP C 44 -12.97 -0.98 6.76
N GLN C 45 -11.73 -1.38 7.01
CA GLN C 45 -11.09 -2.41 6.20
C GLN C 45 -11.39 -3.81 6.70
N LEU C 46 -11.36 -4.75 5.76
CA LEU C 46 -11.53 -6.19 6.03
C LEU C 46 -10.17 -6.72 6.39
N MET C 47 -9.95 -6.96 7.70
CA MET C 47 -8.62 -7.31 8.19
C MET C 47 -8.71 -8.37 9.28
N ALA C 48 -7.62 -9.13 9.42
CA ALA C 48 -7.47 -10.05 10.54
C ALA C 48 -6.03 -9.92 11.03
N PHE C 49 -5.85 -10.04 12.32
CA PHE C 49 -4.53 -9.93 12.95
C PHE C 49 -4.47 -11.08 13.94
N GLY C 50 -3.58 -12.02 13.69
CA GLY C 50 -3.52 -13.23 14.51
C GLY C 50 -4.76 -14.08 14.41
N GLY C 51 -5.50 -13.95 13.33
CA GLY C 51 -6.71 -14.74 13.15
C GLY C 51 -7.97 -14.11 13.71
N SER C 52 -7.87 -12.94 14.30
CA SER C 52 -8.95 -12.28 15.01
C SER C 52 -9.29 -10.98 14.30
N SER C 53 -10.58 -10.66 14.24
CA SER C 53 -10.98 -9.39 13.63
C SER C 53 -11.30 -8.31 14.66
N GLU C 54 -10.80 -8.44 15.89
CA GLU C 54 -10.83 -7.35 16.84
C GLU C 54 -10.04 -6.18 16.24
N PRO C 55 -10.23 -4.97 16.77
CA PRO C 55 -9.57 -3.79 16.17
C PRO C 55 -8.06 -4.01 16.02
N CYS C 56 -7.52 -3.62 14.85
CA CYS C 56 -6.11 -3.79 14.56
C CYS C 56 -5.71 -2.74 13.54
N ALA C 57 -4.39 -2.61 13.31
CA ALA C 57 -3.91 -1.70 12.28
C ALA C 57 -2.62 -2.20 11.64
N LEU C 58 -2.51 -1.95 10.33
CA LEU C 58 -1.27 -2.16 9.58
C LEU C 58 -0.89 -0.80 9.03
N CYS C 59 0.31 -0.34 9.38
CA CYS C 59 0.74 1.00 9.02
C CYS C 59 2.11 0.97 8.35
N SER C 60 2.45 2.09 7.70
CA SER C 60 3.79 2.24 7.16
C SER C 60 4.23 3.69 7.31
N LEU C 61 5.50 3.88 7.61
CA LEU C 61 6.11 5.20 7.63
C LEU C 61 7.28 5.18 6.65
N HIS C 62 7.21 6.04 5.64
CA HIS C 62 8.26 6.24 4.65
C HIS C 62 8.93 7.57 4.93
N SER C 63 10.27 7.60 4.82
CA SER C 63 10.99 8.85 5.02
C SER C 63 12.33 8.75 4.30
N ILE C 64 12.81 9.89 3.79
CA ILE C 64 14.19 9.99 3.29
C ILE C 64 15.07 10.24 4.50
N GLY C 65 15.65 9.16 5.03
CA GLY C 65 16.43 9.28 6.25
C GLY C 65 15.55 9.32 7.48
N LYS C 66 16.20 9.51 8.62
CA LYS C 66 15.52 9.55 9.93
C LYS C 66 14.82 8.21 10.23
N ILE C 67 15.36 7.11 9.72
CA ILE C 67 14.85 5.76 9.92
C ILE C 67 16.01 4.93 10.44
N GLY C 68 15.78 4.17 11.50
CA GLY C 68 16.87 3.43 12.10
C GLY C 68 16.45 2.82 13.41
N GLY C 69 17.35 2.01 13.95
CA GLY C 69 17.06 1.20 15.11
C GLY C 69 16.36 1.90 16.25
N ALA C 70 17.06 2.82 16.92
CA ALA C 70 16.45 3.46 18.07
C ALA C 70 15.33 4.40 17.64
N GLN C 71 15.52 5.10 16.51
CA GLN C 71 14.51 6.01 16.00
C GLN C 71 13.18 5.28 15.77
N ASN C 72 13.25 4.07 15.22
CA ASN C 72 12.02 3.35 14.93
C ASN C 72 11.34 2.89 16.21
N ARG C 73 12.11 2.58 17.24
CA ARG C 73 11.49 2.27 18.52
C ARG C 73 10.72 3.48 19.03
N SER C 74 11.32 4.69 18.91
CA SER C 74 10.63 5.90 19.34
C SER C 74 9.38 6.17 18.53
N TYR C 75 9.46 6.02 17.20
CA TYR C 75 8.26 6.21 16.39
C TYR C 75 7.16 5.25 16.81
N SER C 76 7.51 3.99 17.10
CA SER C 76 6.50 2.99 17.42
C SER C 76 5.76 3.32 18.71
N LYS C 77 6.50 3.78 19.74
CA LYS C 77 5.86 4.22 20.97
C LYS C 77 4.91 5.38 20.69
N LEU C 78 5.37 6.36 19.89
CA LEU C 78 4.54 7.52 19.57
C LEU C 78 3.27 7.10 18.84
N LEU C 79 3.42 6.30 17.77
CA LEU C 79 2.31 6.01 16.87
C LEU C 79 1.35 4.99 17.47
N CYS C 80 1.89 3.97 18.15
CA CYS C 80 1.01 3.04 18.84
C CYS C 80 0.21 3.79 19.90
N GLY C 81 0.85 4.76 20.56
CA GLY C 81 0.15 5.52 21.57
C GLY C 81 -1.01 6.31 21.01
N LEU C 82 -0.80 6.92 19.84
CA LEU C 82 -1.86 7.69 19.21
C LEU C 82 -2.98 6.79 18.72
N LEU C 83 -2.63 5.62 18.17
CA LEU C 83 -3.68 4.70 17.71
C LEU C 83 -4.47 4.14 18.88
N ALA C 84 -3.81 3.91 20.02
CA ALA C 84 -4.53 3.45 21.19
C ALA C 84 -5.43 4.54 21.75
N GLU C 85 -4.92 5.76 21.88
CA GLU C 85 -5.71 6.81 22.49
C GLU C 85 -6.89 7.22 21.61
N ARG C 86 -6.66 7.34 20.30
CA ARG C 86 -7.69 7.93 19.43
C ARG C 86 -8.59 6.89 18.77
N LEU C 87 -8.04 5.74 18.37
CA LEU C 87 -8.81 4.73 17.67
C LEU C 87 -9.11 3.51 18.55
N ARG C 88 -8.60 3.48 19.78
CA ARG C 88 -8.88 2.40 20.73
C ARG C 88 -8.35 1.06 20.23
N ILE C 89 -7.22 1.08 19.55
CA ILE C 89 -6.57 -0.13 19.05
C ILE C 89 -5.44 -0.51 20.00
N SER C 90 -5.43 -1.76 20.44
N SER C 90 -5.45 -1.76 20.46
N SER C 90 -5.46 -1.75 20.49
CA SER C 90 -4.39 -2.22 21.34
CA SER C 90 -4.39 -2.25 21.34
CA SER C 90 -4.42 -2.23 21.38
C SER C 90 -3.03 -2.18 20.65
C SER C 90 -3.04 -2.22 20.62
C SER C 90 -3.09 -2.35 20.66
N PRO C 91 -1.97 -1.75 21.34
N PRO C 91 -1.98 -1.75 21.29
CA PRO C 91 -0.66 -1.70 20.68
CA PRO C 91 -0.68 -1.71 20.60
C PRO C 91 -0.16 -3.04 20.19
C PRO C 91 -0.18 -3.07 20.15
N ASP C 92 -0.59 -4.15 20.80
CA ASP C 92 -0.16 -5.48 20.37
C ASP C 92 -0.95 -6.00 19.17
N ARG C 93 -1.83 -5.17 18.61
CA ARG C 93 -2.53 -5.46 17.36
C ARG C 93 -2.24 -4.40 16.31
N VAL C 94 -1.02 -3.84 16.36
CA VAL C 94 -0.51 -2.87 15.39
C VAL C 94 0.82 -3.37 14.86
N TYR C 95 0.98 -3.39 13.54
CA TYR C 95 2.30 -3.47 12.90
C TYR C 95 2.57 -2.17 12.18
N ILE C 96 3.82 -1.68 12.23
CA ILE C 96 4.23 -0.50 11.48
C ILE C 96 5.49 -0.88 10.70
N ASN C 97 5.44 -0.77 9.37
CA ASN C 97 6.64 -0.98 8.57
C ASN C 97 7.36 0.34 8.32
N TYR C 98 8.68 0.37 8.51
CA TYR C 98 9.49 1.57 8.36
C TYR C 98 10.35 1.44 7.12
N TYR C 99 10.30 2.46 6.25
CA TYR C 99 10.99 2.42 4.97
C TYR C 99 11.87 3.64 4.80
N ASP C 100 13.18 3.41 4.72
CA ASP C 100 14.15 4.47 4.45
C ASP C 100 14.29 4.60 2.93
N MET C 101 13.79 5.70 2.37
CA MET C 101 13.78 5.85 0.92
C MET C 101 15.00 6.63 0.43
N ASN C 102 15.53 6.20 -0.70
CA ASN C 102 16.55 6.98 -1.40
C ASN C 102 15.89 8.17 -2.06
N ALA C 103 16.52 9.33 -1.97
CA ALA C 103 15.89 10.54 -2.52
C ALA C 103 15.61 10.43 -4.00
N ALA C 104 16.43 9.69 -4.75
CA ALA C 104 16.19 9.53 -6.17
C ALA C 104 14.94 8.73 -6.47
N ASN C 105 14.41 8.01 -5.48
CA ASN C 105 13.24 7.18 -5.65
C ASN C 105 11.98 7.82 -5.07
N VAL C 106 12.01 9.12 -4.76
CA VAL C 106 10.84 9.84 -4.28
C VAL C 106 10.57 10.99 -5.24
N GLY C 107 9.47 10.85 -5.99
CA GLY C 107 9.05 11.88 -6.89
C GLY C 107 8.13 12.90 -6.22
N TRP C 108 8.25 14.13 -6.69
CA TRP C 108 7.45 15.24 -6.22
C TRP C 108 7.52 16.32 -7.28
N ASN C 109 6.37 16.88 -7.66
CA ASN C 109 6.32 18.09 -8.48
C ASN C 109 7.30 18.05 -9.66
N ASN C 110 7.12 17.04 -10.51
CA ASN C 110 7.78 16.96 -11.81
C ASN C 110 9.28 16.69 -11.71
N SER C 111 9.71 16.15 -10.57
CA SER C 111 11.11 15.74 -10.43
C SER C 111 11.20 14.75 -9.27
N THR C 112 12.41 14.55 -8.76
CA THR C 112 12.63 13.78 -7.55
C THR C 112 13.39 14.65 -6.57
N PHE C 113 13.58 14.11 -5.37
CA PHE C 113 14.32 14.85 -4.34
C PHE C 113 15.83 14.67 -4.41
N ALA C 114 16.34 13.89 -5.34
CA ALA C 114 17.79 13.72 -5.43
C ALA C 114 18.45 15.03 -5.84
C6 A1AQT D . 5.73 -9.99 12.15
C2 A1AQT D . 8.72 -12.89 12.69
O2 A1AQT D . 10.46 -15.43 13.32
C4 A1AQT D . 7.11 -11.35 13.69
C7 A1AQT D . 5.09 -10.95 9.95
C5 A1AQT D . 5.92 -10.49 13.56
C8 A1AQT D . 7.83 -11.57 14.89
C1 A1AQT D . 9.45 -13.12 13.84
C3 A1AQT D . 7.62 -12.07 12.61
C9 A1AQT D . 8.94 -12.41 14.95
O1 A1AQT D . 11.96 -13.53 13.35
N1 A1AQT D . 11.16 -14.47 15.49
N2 A1AQT D . 5.06 -11.00 11.27
S1 A1AQT D . 10.83 -14.19 13.89
S2 A1AQT D . 5.63 -9.67 9.14
H7 A1AQT D . 5.13 -9.06 12.13
H8 A1AQT D . 6.72 -9.75 11.69
H3 A1AQT D . 9.03 -13.40 11.75
H5 A1AQT D . 4.96 -10.99 13.88
H6 A1AQT D . 5.92 -9.60 14.25
H11 A1AQT D . 7.46 -11.03 15.77
H4 A1AQT D . 7.11 -11.98 11.64
H12 A1AQT D . 9.48 -12.55 15.91
H1 A1AQT D . 10.90 -15.30 15.97
H2 A1AQT D . 11.88 -14.03 16.01
H9 A1AQT D . 4.55 -11.76 11.73
S SO4 E . 15.30 -19.68 -1.00
O1 SO4 E . 13.87 -19.34 -0.81
O2 SO4 E . 15.63 -19.91 -2.42
O3 SO4 E . 16.14 -18.60 -0.49
O4 SO4 E . 15.57 -20.90 -0.26
S SO4 F . -10.83 1.48 0.16
O1 SO4 F . -11.56 0.47 0.98
O2 SO4 F . -11.35 1.50 -1.21
O3 SO4 F . -10.99 2.82 0.77
O4 SO4 F . -9.39 1.14 0.08
S SO4 G . -21.05 -16.73 2.25
O1 SO4 G . -21.86 -16.37 1.09
O2 SO4 G . -19.73 -17.08 1.77
O3 SO4 G . -21.05 -15.65 3.21
O4 SO4 G . -21.64 -17.89 2.93
S SO4 H . -13.37 -14.53 7.61
O1 SO4 H . -14.80 -14.88 7.55
O2 SO4 H . -13.06 -13.91 6.31
O3 SO4 H . -13.19 -13.61 8.73
O4 SO4 H . -12.53 -15.71 7.78
S SO4 I . 12.08 -25.09 -6.99
O1 SO4 I . 12.08 -25.86 -8.25
O2 SO4 I . 13.27 -24.24 -6.93
O3 SO4 I . 10.89 -24.24 -6.93
O4 SO4 I . 12.10 -26.01 -5.87
C6 A1AQT J . 5.72 -7.18 -14.32
C2 A1AQT J . 8.01 -8.95 -18.34
O2 A1AQT J . 10.19 -7.17 -20.43
C4 A1AQT J . 6.88 -8.13 -16.35
C7 A1AQT J . 5.49 -4.77 -14.10
C5 A1AQT J . 5.69 -8.20 -15.39
C8 A1AQT J . 7.98 -7.26 -16.21
C1 A1AQT J . 9.11 -8.09 -18.23
C3 A1AQT J . 6.96 -8.97 -17.46
C9 A1AQT J . 9.04 -7.25 -17.11
O1 A1AQT J . 11.66 -7.85 -18.64
N1 A1AQT J . 10.53 -9.59 -19.94
N2 A1AQT J . 5.36 -5.86 -14.85
S1 A1AQT J . 10.46 -8.05 -19.36
S2 A1AQT J . 5.83 -4.81 -12.51
H7 A1AQT J . 6.72 -7.13 -13.84
H8 A1AQT J . 5.00 -7.44 -13.50
H3 A1AQT J . 7.96 -9.65 -19.19
H5 A1AQT J . 5.58 -9.21 -14.88
H6 A1AQT J . 4.69 -8.12 -15.89
H11 A1AQT J . 7.95 -6.59 -15.35
H4 A1AQT J . 6.14 -9.69 -17.66
H12 A1AQT J . 9.90 -6.56 -16.96
H1 A1AQT J . 9.93 -10.35 -19.63
H2 A1AQT J . 11.19 -9.98 -20.57
H9 A1AQT J . 5.02 -5.80 -15.81
S SO4 K . 18.88 5.97 -14.85
O1 SO4 K . 17.39 6.02 -14.70
O2 SO4 K . 19.17 5.78 -16.27
O3 SO4 K . 19.50 7.18 -14.31
O4 SO4 K . 19.42 4.84 -14.10
S SO4 L . 6.43 -1.02 -0.05
O1 SO4 L . 5.12 -1.31 0.53
O2 SO4 L . 6.34 -1.04 -1.51
O3 SO4 L . 6.89 0.29 0.39
O4 SO4 L . 7.39 -2.02 0.41
S SO4 M . 17.30 -0.55 -16.76
O1 SO4 M . 17.00 0.07 -18.06
O2 SO4 M . 18.71 -0.94 -16.76
O3 SO4 M . 17.05 0.42 -15.70
O4 SO4 M . 16.43 -1.72 -16.57
S SO4 N . 17.86 14.13 -16.35
O1 SO4 N . 16.92 15.22 -16.11
O2 SO4 N . 17.58 13.52 -17.65
O3 SO4 N . 19.22 14.66 -16.35
O4 SO4 N . 17.71 13.14 -15.30
C6 A1AQT O . 9.23 14.03 1.41
C2 A1AQT O . 11.69 17.64 2.38
O2 A1AQT O . 13.15 18.68 5.72
C4 A1AQT O . 11.42 15.21 2.00
C7 A1AQT O . 8.46 12.72 3.39
C5 A1AQT O . 10.78 14.05 1.27
C8 A1AQT O . 12.33 15.08 3.06
C1 A1AQT O . 12.61 17.52 3.43
C3 A1AQT O . 11.12 16.55 1.70
C9 A1AQT O . 12.88 16.17 3.72
O1 A1AQT O . 14.70 19.09 3.91
N1 A1AQT O . 12.53 20.20 3.91
N2 A1AQT O . 8.70 13.94 2.80
S1 A1AQT O . 13.37 18.85 4.33
S2 A1AQT O . 8.68 11.32 2.62
H7 A1AQT O . 8.80 13.18 0.84
H8 A1AQT O . 8.80 14.96 0.96
H3 A1AQT O . 11.38 18.65 2.04
H5 A1AQT O . 11.02 14.01 0.17
H6 A1AQT O . 11.16 13.04 1.60
H11 A1AQT O . 12.58 14.04 3.34
H4 A1AQT O . 10.41 16.78 0.88
H12 A1AQT O . 13.59 16.00 4.56
H1 A1AQT O . 12.88 21.13 4.04
H2 A1AQT O . 11.56 20.27 3.94
H9 A1AQT O . 8.52 14.80 3.31
#